data_7CGM
#
_entry.id   7CGM
#
_cell.length_a   89.203
_cell.length_b   89.203
_cell.length_c   117.045
_cell.angle_alpha   90.000
_cell.angle_beta   90.000
_cell.angle_gamma   90.000
#
_symmetry.space_group_name_H-M   'P 41 21 2'
#
loop_
_entity.id
_entity.type
_entity.pdbx_description
1 polymer 'PUM-HD domain-containing protein'
2 polymer "PBE-5U (5'-R(P*UP*GP*UP*AP*UP*AP*UP*A)-3')"
3 non-polymer 'CHLORIDE ION'
4 water water
#
loop_
_entity_poly.entity_id
_entity_poly.type
_entity_poly.pdbx_seq_one_letter_code
_entity_poly.pdbx_strand_id
1 'polypeptide(L)'
;MGHHHHHHMTTDDLLTRYRANPAMMKNLKLSDIRGALLKFAKDQVGSRFIQQELASSKDRFEKDSIFDEVVSNADELVDD
IFGNYVVQKFFEYGEERHWARLVDAIIDRVPEYAFQMYACRVLQKALEKINEPLQIKILSQIRHVIHRCMKDQNGCRVVQ
KAIEKVSPQYVQFIVDTLLESSNTIYEMSVDPYGCRVVQRCLEHCSPSQTKPVIGQIHKRFDEIANNQYGNYVVQHVIEH
GSEEDRMVIVTRVSNNLFEFATHKYSSNVIEKCLEQGAVYHKSMIVGAACHHQEGSVPIVVQMMKDQYANYVVQKMFDQV
TSEQRRELILTVRPHIPVLRQFPHGKHILAKLEKYFQKPA
;
A
2 'polyribonucleotide' UGUAUAUA B
#
# COMPACT_ATOMS: atom_id res chain seq x y z
N THR A 10 26.42 -32.69 -19.52
CA THR A 10 27.15 -31.59 -20.12
C THR A 10 26.24 -30.37 -20.36
N THR A 11 24.93 -30.55 -20.12
CA THR A 11 24.07 -29.38 -19.91
C THR A 11 24.62 -28.54 -18.77
N ASP A 12 24.95 -29.21 -17.66
CA ASP A 12 25.61 -28.53 -16.55
C ASP A 12 26.98 -28.01 -16.97
N ASP A 13 27.76 -28.83 -17.67
CA ASP A 13 29.06 -28.36 -18.16
C ASP A 13 28.89 -27.17 -19.09
N LEU A 14 27.85 -27.18 -19.93
CA LEU A 14 27.52 -26.03 -20.77
C LEU A 14 27.48 -24.74 -19.94
N LEU A 15 26.64 -24.74 -18.91
CA LEU A 15 26.49 -23.55 -18.07
C LEU A 15 27.75 -23.25 -17.26
N THR A 16 28.55 -24.28 -16.96
CA THR A 16 29.88 -24.03 -16.42
C THR A 16 30.77 -23.40 -17.47
N ARG A 17 30.75 -23.93 -18.70
CA ARG A 17 31.48 -23.31 -19.80
C ARG A 17 31.17 -21.81 -19.85
N TYR A 18 29.87 -21.47 -19.81
CA TYR A 18 29.43 -20.10 -20.05
C TYR A 18 29.62 -19.21 -18.83
N ARG A 19 29.55 -19.75 -17.62
CA ARG A 19 30.02 -18.97 -16.48
C ARG A 19 31.50 -18.67 -16.61
N ALA A 20 32.28 -19.58 -17.20
CA ALA A 20 33.70 -19.35 -17.41
C ALA A 20 33.93 -18.37 -18.57
N ASN A 21 33.61 -18.79 -19.80
CA ASN A 21 33.77 -17.93 -20.98
C ASN A 21 32.40 -17.48 -21.52
N PRO A 22 31.74 -16.49 -20.91
CA PRO A 22 30.51 -15.96 -21.53
C PRO A 22 30.75 -15.32 -22.89
N ALA A 23 32.01 -15.12 -23.28
CA ALA A 23 32.34 -14.85 -24.67
C ALA A 23 31.75 -15.92 -25.59
N MET A 24 31.83 -17.19 -25.17
CA MET A 24 31.24 -18.31 -25.89
C MET A 24 29.70 -18.27 -25.92
N MET A 25 29.08 -17.21 -25.40
CA MET A 25 27.64 -16.98 -25.52
C MET A 25 27.29 -15.94 -26.57
N LYS A 26 28.29 -15.43 -27.31
CA LYS A 26 28.04 -14.40 -28.31
C LYS A 26 27.06 -14.91 -29.37
N ASN A 27 27.44 -15.99 -30.05
CA ASN A 27 26.68 -16.52 -31.17
C ASN A 27 25.58 -17.47 -30.73
N LEU A 28 25.14 -17.41 -29.46
CA LEU A 28 24.18 -18.37 -28.95
C LEU A 28 22.78 -17.74 -28.90
N LYS A 29 21.80 -18.47 -29.41
CA LYS A 29 20.44 -17.98 -29.53
C LYS A 29 19.47 -18.90 -28.77
N LEU A 30 18.25 -18.42 -28.58
CA LEU A 30 17.29 -19.11 -27.70
C LEU A 30 16.95 -20.50 -28.21
N SER A 31 16.69 -20.61 -29.51
CA SER A 31 16.29 -21.88 -30.10
C SER A 31 17.33 -22.98 -29.89
N ASP A 32 18.55 -22.60 -29.51
CA ASP A 32 19.63 -23.57 -29.29
C ASP A 32 19.58 -24.23 -27.93
N ILE A 33 18.94 -23.61 -26.95
CA ILE A 33 18.90 -24.21 -25.62
C ILE A 33 17.65 -25.04 -25.56
N ARG A 34 16.95 -25.14 -26.69
CA ARG A 34 15.82 -26.04 -26.84
C ARG A 34 16.17 -27.35 -26.18
N GLY A 35 15.42 -27.74 -25.16
CA GLY A 35 15.65 -28.97 -24.45
C GLY A 35 16.34 -28.82 -23.12
N ALA A 36 17.08 -27.73 -22.90
CA ALA A 36 17.77 -27.47 -21.66
C ALA A 36 17.22 -26.23 -20.94
N LEU A 37 15.98 -25.86 -21.25
CA LEU A 37 15.43 -24.60 -20.75
C LEU A 37 15.34 -24.60 -19.23
N LEU A 38 15.00 -25.73 -18.62
CA LEU A 38 14.80 -25.75 -17.17
C LEU A 38 16.11 -25.53 -16.45
N LYS A 39 17.17 -26.26 -16.84
CA LYS A 39 18.47 -26.01 -16.25
C LYS A 39 18.93 -24.58 -16.49
N PHE A 40 18.71 -24.04 -17.68
CA PHE A 40 19.15 -22.68 -17.92
C PHE A 40 18.39 -21.69 -17.03
N ALA A 41 17.05 -21.82 -17.00
CA ALA A 41 16.25 -20.82 -16.30
C ALA A 41 16.48 -20.83 -14.79
N LYS A 42 16.90 -21.96 -14.21
CA LYS A 42 17.17 -22.05 -12.77
C LYS A 42 18.62 -21.69 -12.43
N ASP A 43 19.40 -21.27 -13.41
CA ASP A 43 20.78 -20.88 -13.20
C ASP A 43 20.88 -19.37 -13.35
N GLN A 44 21.70 -18.76 -12.51
CA GLN A 44 21.85 -17.31 -12.51
C GLN A 44 22.36 -16.79 -13.86
N VAL A 45 23.36 -17.46 -14.44
CA VAL A 45 23.89 -17.05 -15.74
C VAL A 45 22.92 -17.40 -16.88
N GLY A 46 22.33 -18.59 -16.83
CA GLY A 46 21.41 -18.97 -17.89
C GLY A 46 20.13 -18.16 -17.87
N SER A 47 19.67 -17.78 -16.68
CA SER A 47 18.47 -16.97 -16.59
C SER A 47 18.69 -15.60 -17.21
N ARG A 48 19.87 -15.03 -16.97
CA ARG A 48 20.20 -13.74 -17.55
C ARG A 48 20.33 -13.83 -19.06
N PHE A 49 20.91 -14.93 -19.56
CA PHE A 49 21.00 -15.13 -21.01
C PHE A 49 19.61 -15.19 -21.65
N ILE A 50 18.71 -15.99 -21.07
CA ILE A 50 17.35 -16.08 -21.59
C ILE A 50 16.69 -14.71 -21.57
N GLN A 51 16.68 -14.07 -20.41
CA GLN A 51 16.09 -12.74 -20.27
C GLN A 51 16.63 -11.78 -21.33
N GLN A 52 17.97 -11.65 -21.39
CA GLN A 52 18.58 -10.71 -22.34
C GLN A 52 18.22 -11.05 -23.78
N GLU A 53 18.26 -12.34 -24.13
CA GLU A 53 17.89 -12.77 -25.47
C GLU A 53 16.45 -12.38 -25.78
N LEU A 54 15.56 -12.55 -24.81
CA LEU A 54 14.16 -12.22 -25.07
C LEU A 54 14.00 -10.74 -25.31
N ALA A 55 14.74 -9.92 -24.57
CA ALA A 55 14.59 -8.47 -24.64
C ALA A 55 15.24 -7.88 -25.88
N SER A 56 16.27 -8.54 -26.42
CA SER A 56 16.98 -8.00 -27.58
C SER A 56 16.61 -8.67 -28.90
N SER A 57 16.12 -9.91 -28.87
CA SER A 57 15.70 -10.56 -30.10
C SER A 57 14.50 -9.82 -30.70
N LYS A 58 14.55 -9.66 -32.02
CA LYS A 58 13.42 -9.17 -32.80
C LYS A 58 12.91 -10.27 -33.72
N ASP A 59 13.11 -11.51 -33.33
CA ASP A 59 12.64 -12.67 -34.08
C ASP A 59 11.58 -13.39 -33.24
N ARG A 60 10.31 -13.26 -33.64
CA ARG A 60 9.23 -13.89 -32.88
C ARG A 60 9.40 -15.40 -32.80
N PHE A 61 10.05 -16.01 -33.79
CA PHE A 61 10.07 -17.47 -33.85
C PHE A 61 11.12 -18.03 -32.90
N GLU A 62 12.22 -17.33 -32.68
CA GLU A 62 13.13 -17.66 -31.60
C GLU A 62 12.38 -17.74 -30.28
N LYS A 63 11.66 -16.67 -29.93
CA LYS A 63 10.96 -16.64 -28.65
C LYS A 63 9.92 -17.74 -28.57
N ASP A 64 9.18 -17.99 -29.66
CA ASP A 64 8.18 -19.05 -29.62
C ASP A 64 8.83 -20.42 -29.39
N SER A 65 10.05 -20.62 -29.89
CA SER A 65 10.60 -21.97 -29.88
C SER A 65 10.79 -22.50 -28.45
N ILE A 66 11.15 -21.63 -27.50
CA ILE A 66 11.26 -22.06 -26.11
C ILE A 66 9.94 -22.02 -25.35
N PHE A 67 8.91 -21.35 -25.88
CA PHE A 67 7.72 -21.09 -25.08
C PHE A 67 7.11 -22.40 -24.58
N ASP A 68 7.05 -23.41 -25.44
CA ASP A 68 6.50 -24.68 -25.00
C ASP A 68 7.26 -25.26 -23.83
N GLU A 69 8.56 -24.97 -23.73
CA GLU A 69 9.32 -25.46 -22.61
C GLU A 69 9.03 -24.67 -21.35
N VAL A 70 8.87 -23.34 -21.50
CA VAL A 70 8.39 -22.52 -20.39
C VAL A 70 7.04 -23.02 -19.89
N VAL A 71 6.07 -23.20 -20.80
CA VAL A 71 4.74 -23.63 -20.37
C VAL A 71 4.81 -24.99 -19.68
N SER A 72 5.70 -25.87 -20.13
CA SER A 72 5.77 -27.20 -19.54
C SER A 72 6.46 -27.19 -18.18
N ASN A 73 7.41 -26.29 -17.96
CA ASN A 73 8.11 -26.22 -16.69
C ASN A 73 7.64 -25.05 -15.82
N ALA A 74 6.54 -24.41 -16.21
CA ALA A 74 5.95 -23.33 -15.44
C ALA A 74 6.00 -23.57 -13.94
N ASP A 75 5.42 -24.69 -13.50
CA ASP A 75 5.24 -24.96 -12.07
C ASP A 75 6.56 -25.03 -11.34
N GLU A 76 7.64 -25.33 -12.03
CA GLU A 76 8.95 -25.37 -11.40
C GLU A 76 9.72 -24.06 -11.56
N LEU A 77 9.35 -23.21 -12.51
CA LEU A 77 10.06 -21.96 -12.67
C LEU A 77 9.48 -20.82 -11.84
N VAL A 78 8.17 -20.83 -11.55
CA VAL A 78 7.54 -19.60 -11.05
C VAL A 78 7.99 -19.25 -9.64
N ASP A 79 8.28 -20.24 -8.79
CA ASP A 79 8.80 -19.93 -7.46
C ASP A 79 10.27 -20.31 -7.34
N ASP A 80 11.01 -20.17 -8.43
CA ASP A 80 12.46 -20.30 -8.43
C ASP A 80 13.11 -18.93 -8.50
N ILE A 81 14.17 -18.77 -7.70
CA ILE A 81 14.84 -17.48 -7.49
C ILE A 81 15.24 -16.85 -8.83
N PHE A 82 15.66 -17.67 -9.80
CA PHE A 82 16.06 -17.16 -11.11
C PHE A 82 15.03 -17.43 -12.19
N GLY A 83 14.33 -18.56 -12.11
CA GLY A 83 13.32 -18.91 -13.09
C GLY A 83 12.13 -17.97 -13.16
N ASN A 84 11.82 -17.28 -12.05
CA ASN A 84 10.60 -16.48 -12.05
C ASN A 84 10.73 -15.31 -13.00
N TYR A 85 11.96 -14.83 -13.21
CA TYR A 85 12.18 -13.74 -14.18
C TYR A 85 11.91 -14.21 -15.59
N VAL A 86 12.33 -15.44 -15.92
CA VAL A 86 12.12 -15.99 -17.26
C VAL A 86 10.62 -16.04 -17.56
N VAL A 87 9.83 -16.53 -16.60
CA VAL A 87 8.37 -16.59 -16.79
C VAL A 87 7.76 -15.19 -16.94
N GLN A 88 8.22 -14.21 -16.14
CA GLN A 88 7.65 -12.87 -16.23
C GLN A 88 7.91 -12.21 -17.59
N LYS A 89 9.03 -12.54 -18.23
CA LYS A 89 9.33 -11.99 -19.55
C LYS A 89 8.30 -12.38 -20.60
N PHE A 90 7.55 -13.45 -20.40
CA PHE A 90 6.51 -13.82 -21.34
C PHE A 90 5.16 -13.24 -20.99
N PHE A 91 5.06 -12.54 -19.86
CA PHE A 91 3.85 -11.79 -19.60
C PHE A 91 3.97 -10.36 -20.05
N GLU A 92 5.05 -10.05 -20.78
CA GLU A 92 5.26 -8.70 -21.32
C GLU A 92 4.18 -8.33 -22.33
N TYR A 93 3.84 -7.04 -22.35
CA TYR A 93 3.30 -6.43 -23.56
C TYR A 93 4.17 -6.85 -24.73
N GLY A 94 3.57 -7.44 -25.75
CA GLY A 94 4.34 -7.97 -26.86
C GLY A 94 4.40 -9.48 -26.91
N GLU A 95 3.84 -10.16 -25.93
CA GLU A 95 3.73 -11.60 -25.97
C GLU A 95 2.28 -12.05 -25.80
N GLU A 96 1.32 -11.19 -26.19
CA GLU A 96 -0.09 -11.38 -25.82
C GLU A 96 -0.68 -12.67 -26.38
N ARG A 97 -0.17 -13.13 -27.53
CA ARG A 97 -0.56 -14.43 -28.05
C ARG A 97 -0.36 -15.55 -27.01
N HIS A 98 0.58 -15.34 -26.09
CA HIS A 98 1.01 -16.33 -25.12
C HIS A 98 0.33 -16.20 -23.76
N TRP A 99 -0.25 -15.05 -23.43
CA TRP A 99 -0.81 -14.83 -22.10
C TRP A 99 -1.77 -15.94 -21.69
N ALA A 100 -2.70 -16.30 -22.58
CA ALA A 100 -3.69 -17.31 -22.24
C ALA A 100 -3.05 -18.66 -21.98
N ARG A 101 -2.13 -19.09 -22.84
CA ARG A 101 -1.49 -20.36 -22.62
C ARG A 101 -0.69 -20.34 -21.33
N LEU A 102 -0.03 -19.22 -21.07
CA LEU A 102 0.77 -19.08 -19.87
C LEU A 102 -0.11 -19.09 -18.61
N VAL A 103 -1.19 -18.31 -18.59
CA VAL A 103 -2.12 -18.30 -17.46
C VAL A 103 -2.65 -19.70 -17.20
N ASP A 104 -2.91 -20.45 -18.28
CA ASP A 104 -3.45 -21.80 -18.12
C ASP A 104 -2.43 -22.75 -17.54
N ALA A 105 -1.14 -22.51 -17.76
CA ALA A 105 -0.14 -23.39 -17.21
C ALA A 105 -0.09 -23.31 -15.69
N ILE A 106 -0.53 -22.20 -15.09
CA ILE A 106 -0.33 -21.96 -13.66
C ILE A 106 -1.62 -21.77 -12.90
N ILE A 107 -2.77 -21.80 -13.57
CA ILE A 107 -4.00 -21.35 -12.94
C ILE A 107 -4.34 -22.24 -11.75
N ASP A 108 -4.12 -23.54 -11.89
CA ASP A 108 -4.56 -24.47 -10.86
C ASP A 108 -3.76 -24.35 -9.57
N ARG A 109 -2.53 -23.86 -9.65
CA ARG A 109 -1.71 -23.71 -8.46
C ARG A 109 -1.64 -22.27 -7.98
N VAL A 110 -2.45 -21.39 -8.59
CA VAL A 110 -2.47 -19.99 -8.17
C VAL A 110 -2.76 -19.82 -6.68
N PRO A 111 -3.62 -20.62 -6.05
CA PRO A 111 -3.79 -20.47 -4.59
C PRO A 111 -2.52 -20.70 -3.81
N GLU A 112 -1.63 -21.58 -4.28
CA GLU A 112 -0.32 -21.70 -3.63
C GLU A 112 0.64 -20.59 -4.06
N TYR A 113 0.73 -20.30 -5.36
CA TYR A 113 1.71 -19.32 -5.82
C TYR A 113 1.52 -17.96 -5.13
N ALA A 114 0.29 -17.64 -4.74
CA ALA A 114 0.03 -16.32 -4.18
C ALA A 114 0.78 -16.10 -2.87
N PHE A 115 1.12 -17.17 -2.15
CA PHE A 115 1.80 -17.07 -0.85
C PHE A 115 3.31 -17.12 -0.96
N GLN A 116 3.86 -17.45 -2.13
CA GLN A 116 5.28 -17.70 -2.26
C GLN A 116 6.00 -16.47 -2.79
N MET A 117 7.22 -16.25 -2.30
CA MET A 117 7.85 -14.95 -2.51
C MET A 117 8.31 -14.72 -3.95
N TYR A 118 8.55 -15.77 -4.73
CA TYR A 118 8.92 -15.57 -6.14
C TYR A 118 7.72 -15.70 -7.06
N ALA A 119 6.91 -16.74 -6.87
CA ALA A 119 5.75 -16.92 -7.73
C ALA A 119 4.74 -15.77 -7.58
N CYS A 120 4.63 -15.18 -6.39
CA CYS A 120 3.72 -14.04 -6.28
C CYS A 120 4.17 -12.87 -7.15
N ARG A 121 5.46 -12.78 -7.48
CA ARG A 121 5.91 -11.76 -8.42
C ARG A 121 5.44 -12.07 -9.83
N VAL A 122 5.38 -13.36 -10.19
CA VAL A 122 4.82 -13.71 -11.50
C VAL A 122 3.35 -13.35 -11.56
N LEU A 123 2.59 -13.64 -10.49
CA LEU A 123 1.18 -13.29 -10.49
C LEU A 123 0.97 -11.79 -10.56
N GLN A 124 1.81 -11.00 -9.87
CA GLN A 124 1.66 -9.54 -9.95
C GLN A 124 1.97 -9.04 -11.35
N LYS A 125 2.95 -9.64 -12.03
CA LYS A 125 3.25 -9.21 -13.40
C LYS A 125 2.10 -9.54 -14.33
N ALA A 126 1.54 -10.75 -14.22
CA ALA A 126 0.42 -11.13 -15.06
C ALA A 126 -0.74 -10.18 -14.88
N LEU A 127 -1.02 -9.80 -13.63
CA LEU A 127 -2.12 -8.87 -13.35
C LEU A 127 -1.84 -7.48 -13.90
N GLU A 128 -0.57 -7.09 -13.96
CA GLU A 128 -0.17 -5.79 -14.48
C GLU A 128 -0.35 -5.69 -15.99
N LYS A 129 -0.15 -6.77 -16.71
CA LYS A 129 -0.03 -6.74 -18.16
C LYS A 129 -1.22 -7.33 -18.90
N ILE A 130 -1.85 -8.39 -18.39
CA ILE A 130 -2.82 -9.12 -19.20
C ILE A 130 -4.19 -8.45 -19.16
N ASN A 131 -5.08 -8.92 -20.06
CA ASN A 131 -6.42 -8.40 -20.31
C ASN A 131 -7.38 -8.85 -19.21
N GLU A 132 -8.49 -8.11 -19.10
CA GLU A 132 -9.44 -8.30 -18.01
C GLU A 132 -9.97 -9.74 -17.87
N PRO A 133 -10.32 -10.45 -18.94
CA PRO A 133 -10.78 -11.85 -18.75
C PRO A 133 -9.73 -12.77 -18.16
N LEU A 134 -8.46 -12.61 -18.51
CA LEU A 134 -7.44 -13.40 -17.84
C LEU A 134 -7.27 -12.97 -16.39
N GLN A 135 -7.21 -11.67 -16.11
CA GLN A 135 -7.24 -11.16 -14.74
C GLN A 135 -8.34 -11.83 -13.91
N ILE A 136 -9.58 -11.81 -14.42
CA ILE A 136 -10.68 -12.39 -13.69
C ILE A 136 -10.46 -13.87 -13.50
N LYS A 137 -9.84 -14.53 -14.47
CA LYS A 137 -9.56 -15.95 -14.35
C LYS A 137 -8.58 -16.22 -13.20
N ILE A 138 -7.58 -15.36 -13.05
CA ILE A 138 -6.66 -15.45 -11.92
C ILE A 138 -7.38 -15.14 -10.62
N LEU A 139 -8.18 -14.07 -10.59
CA LEU A 139 -8.95 -13.74 -9.39
C LEU A 139 -9.84 -14.89 -8.96
N SER A 140 -10.37 -15.67 -9.90
CA SER A 140 -11.28 -16.77 -9.55
C SER A 140 -10.60 -17.77 -8.64
N GLN A 141 -9.28 -17.92 -8.78
CA GLN A 141 -8.55 -18.83 -7.92
C GLN A 141 -8.24 -18.17 -6.59
N ILE A 142 -7.97 -16.87 -6.62
CA ILE A 142 -7.70 -16.13 -5.38
C ILE A 142 -8.90 -16.19 -4.45
N ARG A 143 -10.13 -16.23 -5.00
CA ARG A 143 -11.32 -16.34 -4.17
C ARG A 143 -11.18 -17.42 -3.11
N HIS A 144 -10.51 -18.53 -3.46
CA HIS A 144 -10.44 -19.69 -2.59
C HIS A 144 -9.61 -19.47 -1.34
N VAL A 145 -8.70 -18.49 -1.33
CA VAL A 145 -7.75 -18.34 -0.22
C VAL A 145 -7.66 -16.88 0.20
N ILE A 146 -8.64 -16.07 -0.21
CA ILE A 146 -8.53 -14.62 -0.16
C ILE A 146 -8.28 -14.12 1.28
N HIS A 147 -8.93 -14.72 2.27
CA HIS A 147 -8.80 -14.20 3.64
C HIS A 147 -7.39 -14.37 4.17
N ARG A 148 -6.81 -15.56 3.99
CA ARG A 148 -5.42 -15.77 4.37
C ARG A 148 -4.50 -14.95 3.48
N CYS A 149 -4.88 -14.78 2.23
CA CYS A 149 -4.05 -14.09 1.25
C CYS A 149 -3.89 -12.63 1.62
N MET A 150 -4.97 -12.00 2.09
CA MET A 150 -4.92 -10.58 2.41
C MET A 150 -3.99 -10.25 3.56
N LYS A 151 -3.69 -11.22 4.43
CA LYS A 151 -2.83 -10.98 5.57
C LYS A 151 -1.41 -11.49 5.34
N ASP A 152 -1.15 -12.10 4.20
CA ASP A 152 0.13 -12.68 3.94
C ASP A 152 1.08 -11.65 3.35
N GLN A 153 2.34 -11.70 3.78
CA GLN A 153 3.37 -10.80 3.28
C GLN A 153 3.42 -10.81 1.75
N ASN A 154 3.27 -11.99 1.15
CA ASN A 154 3.26 -12.15 -0.31
C ASN A 154 1.86 -11.97 -0.90
N GLY A 155 0.86 -12.65 -0.34
CA GLY A 155 -0.47 -12.62 -0.93
C GLY A 155 -1.08 -11.23 -0.96
N CYS A 156 -0.75 -10.38 0.01
CA CYS A 156 -1.34 -9.05 0.04
C CYS A 156 -0.84 -8.20 -1.12
N ARG A 157 0.34 -8.48 -1.66
CA ARG A 157 0.79 -7.74 -2.84
C ARG A 157 0.00 -8.17 -4.07
N VAL A 158 -0.27 -9.47 -4.18
CA VAL A 158 -1.13 -9.94 -5.26
C VAL A 158 -2.51 -9.30 -5.13
N VAL A 159 -3.04 -9.21 -3.92
CA VAL A 159 -4.37 -8.61 -3.73
C VAL A 159 -4.32 -7.11 -4.03
N GLN A 160 -3.30 -6.41 -3.50
CA GLN A 160 -3.18 -4.99 -3.79
C GLN A 160 -3.09 -4.74 -5.29
N LYS A 161 -2.32 -5.56 -5.99
CA LYS A 161 -2.20 -5.40 -7.43
C LYS A 161 -3.54 -5.65 -8.13
N ALA A 162 -4.26 -6.68 -7.70
CA ALA A 162 -5.59 -6.95 -8.25
C ALA A 162 -6.47 -5.72 -8.18
N ILE A 163 -6.49 -5.07 -7.02
CA ILE A 163 -7.37 -3.93 -6.76
C ILE A 163 -7.00 -2.73 -7.64
N GLU A 164 -5.70 -2.53 -7.89
CA GLU A 164 -5.28 -1.41 -8.72
C GLU A 164 -5.62 -1.63 -10.18
N LYS A 165 -5.67 -2.87 -10.63
CA LYS A 165 -5.61 -3.15 -12.06
C LYS A 165 -6.90 -3.72 -12.62
N VAL A 166 -7.82 -4.13 -11.79
CA VAL A 166 -9.08 -4.71 -12.23
C VAL A 166 -10.19 -3.74 -11.90
N SER A 167 -11.22 -3.73 -12.74
CA SER A 167 -12.35 -2.83 -12.53
C SER A 167 -12.99 -3.14 -11.17
N PRO A 168 -13.46 -2.11 -10.45
CA PRO A 168 -14.06 -2.32 -9.12
C PRO A 168 -15.07 -3.45 -9.02
N GLN A 169 -15.94 -3.66 -10.02
CA GLN A 169 -17.00 -4.63 -9.84
C GLN A 169 -16.44 -6.04 -9.67
N TYR A 170 -15.26 -6.31 -10.21
CA TYR A 170 -14.73 -7.66 -10.18
C TYR A 170 -13.88 -7.93 -8.93
N VAL A 171 -13.74 -6.96 -8.04
CA VAL A 171 -13.16 -7.23 -6.73
C VAL A 171 -14.22 -7.08 -5.64
N GLN A 172 -15.51 -7.23 -5.95
CA GLN A 172 -16.51 -7.18 -4.88
C GLN A 172 -16.25 -8.26 -3.85
N PHE A 173 -15.74 -9.42 -4.27
CA PHE A 173 -15.47 -10.50 -3.32
C PHE A 173 -14.36 -10.14 -2.34
N ILE A 174 -13.50 -9.19 -2.69
CA ILE A 174 -12.47 -8.76 -1.75
C ILE A 174 -13.09 -7.86 -0.69
N VAL A 175 -13.91 -6.91 -1.13
CA VAL A 175 -14.71 -6.10 -0.21
C VAL A 175 -15.57 -6.99 0.68
N ASP A 176 -16.26 -7.98 0.08
CA ASP A 176 -17.07 -8.91 0.87
C ASP A 176 -16.24 -9.66 1.90
N THR A 177 -14.94 -9.80 1.65
CA THR A 177 -14.08 -10.46 2.62
C THR A 177 -13.69 -9.52 3.76
N LEU A 178 -13.42 -8.24 3.47
CA LEU A 178 -13.29 -7.25 4.53
C LEU A 178 -14.53 -7.21 5.45
N LEU A 179 -15.72 -7.52 4.92
CA LEU A 179 -16.97 -7.51 5.67
C LEU A 179 -17.48 -8.91 6.03
N GLU A 180 -16.64 -9.92 5.88
CA GLU A 180 -16.95 -11.30 6.25
C GLU A 180 -17.62 -11.40 7.63
N SER A 181 -17.00 -10.82 8.65
CA SER A 181 -17.47 -10.88 10.02
C SER A 181 -17.37 -9.49 10.64
N SER A 182 -17.95 -9.36 11.83
CA SER A 182 -17.95 -8.07 12.48
C SER A 182 -16.54 -7.51 12.65
N ASN A 183 -15.58 -8.36 13.00
CA ASN A 183 -14.28 -7.81 13.38
C ASN A 183 -13.23 -7.90 12.30
N THR A 184 -13.61 -8.28 11.06
CA THR A 184 -12.61 -8.51 10.04
C THR A 184 -11.91 -7.21 9.63
N ILE A 185 -12.67 -6.12 9.50
CA ILE A 185 -12.08 -4.83 9.15
C ILE A 185 -11.12 -4.36 10.24
N TYR A 186 -11.46 -4.58 11.52
CA TYR A 186 -10.51 -4.25 12.58
C TYR A 186 -9.27 -5.11 12.45
N GLU A 187 -9.45 -6.43 12.34
CA GLU A 187 -8.33 -7.36 12.24
C GLU A 187 -7.43 -7.01 11.06
N MET A 188 -8.01 -6.58 9.95
CA MET A 188 -7.17 -6.24 8.80
C MET A 188 -6.47 -4.90 9.02
N SER A 189 -7.18 -3.92 9.58
CA SER A 189 -6.61 -2.58 9.74
C SER A 189 -5.42 -2.56 10.69
N VAL A 190 -5.35 -3.46 11.66
CA VAL A 190 -4.26 -3.50 12.63
C VAL A 190 -3.20 -4.52 12.26
N ASP A 191 -3.27 -5.11 11.04
CA ASP A 191 -2.35 -6.10 10.50
C ASP A 191 -1.43 -5.45 9.49
N PRO A 192 -0.13 -5.74 9.54
CA PRO A 192 0.82 -5.00 8.68
C PRO A 192 0.58 -5.21 7.20
N TYR A 193 0.00 -6.33 6.79
CA TYR A 193 -0.30 -6.59 5.39
C TYR A 193 -1.75 -6.35 5.07
N GLY A 194 -2.65 -6.75 5.97
CA GLY A 194 -4.05 -6.51 5.73
C GLY A 194 -4.38 -5.04 5.59
N CYS A 195 -3.63 -4.16 6.27
CA CYS A 195 -3.99 -2.76 6.23
C CYS A 195 -3.71 -2.15 4.86
N ARG A 196 -2.73 -2.68 4.14
CA ARG A 196 -2.47 -2.18 2.80
C ARG A 196 -3.61 -2.56 1.85
N VAL A 197 -4.20 -3.72 2.05
CA VAL A 197 -5.38 -4.11 1.29
C VAL A 197 -6.53 -3.17 1.60
N VAL A 198 -6.79 -2.90 2.88
CA VAL A 198 -7.85 -1.95 3.20
C VAL A 198 -7.61 -0.62 2.48
N GLN A 199 -6.38 -0.10 2.55
CA GLN A 199 -6.10 1.19 1.93
C GLN A 199 -6.33 1.14 0.41
N ARG A 200 -5.80 0.11 -0.28
CA ARG A 200 -6.04 -0.02 -1.72
C ARG A 200 -7.53 0.03 -2.04
N CYS A 201 -8.34 -0.70 -1.26
CA CYS A 201 -9.79 -0.70 -1.46
CA CYS A 201 -9.79 -0.70 -1.47
C CYS A 201 -10.36 0.72 -1.36
N LEU A 202 -9.95 1.46 -0.34
CA LEU A 202 -10.43 2.85 -0.18
C LEU A 202 -10.03 3.73 -1.38
N GLU A 203 -8.81 3.59 -1.88
CA GLU A 203 -8.39 4.40 -3.02
C GLU A 203 -9.11 4.03 -4.32
N HIS A 204 -9.56 2.79 -4.50
CA HIS A 204 -10.00 2.37 -5.84
C HIS A 204 -11.39 1.82 -5.93
N CYS A 205 -12.02 1.44 -4.84
CA CYS A 205 -13.36 0.93 -4.98
C CYS A 205 -14.34 2.09 -5.05
N SER A 206 -15.52 1.79 -5.59
CA SER A 206 -16.55 2.79 -5.73
C SER A 206 -17.08 3.16 -4.35
N PRO A 207 -17.69 4.34 -4.22
CA PRO A 207 -18.28 4.73 -2.93
C PRO A 207 -19.33 3.77 -2.42
N SER A 208 -20.06 3.09 -3.29
CA SER A 208 -20.98 2.06 -2.82
C SER A 208 -20.24 0.88 -2.23
N GLN A 209 -19.10 0.52 -2.80
CA GLN A 209 -18.34 -0.57 -2.22
C GLN A 209 -17.73 -0.16 -0.89
N THR A 210 -17.21 1.07 -0.80
CA THR A 210 -16.45 1.44 0.39
C THR A 210 -17.34 1.87 1.55
N LYS A 211 -18.58 2.26 1.31
CA LYS A 211 -19.43 2.74 2.40
C LYS A 211 -19.55 1.75 3.56
N PRO A 212 -19.83 0.47 3.36
CA PRO A 212 -19.84 -0.44 4.52
C PRO A 212 -18.47 -0.70 5.09
N VAL A 213 -17.41 -0.53 4.31
CA VAL A 213 -16.06 -0.65 4.86
C VAL A 213 -15.79 0.49 5.84
N ILE A 214 -16.03 1.72 5.42
CA ILE A 214 -15.81 2.86 6.29
C ILE A 214 -16.70 2.77 7.51
N GLY A 215 -17.95 2.34 7.33
CA GLY A 215 -18.85 2.22 8.46
C GLY A 215 -18.35 1.25 9.51
N GLN A 216 -17.71 0.17 9.07
CA GLN A 216 -17.08 -0.75 10.01
C GLN A 216 -15.93 -0.10 10.73
N ILE A 217 -15.13 0.69 10.01
CA ILE A 217 -13.99 1.39 10.61
C ILE A 217 -14.47 2.37 11.68
N HIS A 218 -15.55 3.11 11.42
N HIS A 218 -15.56 3.10 11.42
CA HIS A 218 -16.08 4.04 12.41
CA HIS A 218 -16.07 4.03 12.41
C HIS A 218 -16.45 3.35 13.73
C HIS A 218 -16.44 3.35 13.73
N LYS A 219 -16.90 2.10 13.67
CA LYS A 219 -17.39 1.45 14.89
C LYS A 219 -16.31 1.26 15.94
N ARG A 220 -15.08 0.99 15.52
CA ARG A 220 -13.94 0.87 16.42
C ARG A 220 -12.87 1.91 16.06
N PHE A 221 -13.35 3.12 15.72
CA PHE A 221 -12.49 4.24 15.32
C PHE A 221 -11.36 4.52 16.32
N ASP A 222 -11.67 4.63 17.61
CA ASP A 222 -10.61 4.98 18.54
C ASP A 222 -9.46 3.99 18.45
N GLU A 223 -9.78 2.69 18.50
CA GLU A 223 -8.71 1.69 18.54
C GLU A 223 -7.93 1.65 17.25
N ILE A 224 -8.60 1.80 16.11
CA ILE A 224 -7.88 1.76 14.85
C ILE A 224 -7.01 3.00 14.68
N ALA A 225 -7.53 4.17 15.06
CA ALA A 225 -6.83 5.43 14.85
C ALA A 225 -5.47 5.45 15.55
N ASN A 226 -5.39 4.93 16.77
CA ASN A 226 -4.12 4.91 17.48
C ASN A 226 -3.33 3.60 17.31
N ASN A 227 -3.66 2.80 16.31
CA ASN A 227 -2.88 1.61 15.99
C ASN A 227 -1.81 1.94 14.96
N GLN A 228 -0.64 1.32 15.12
CA GLN A 228 0.52 1.64 14.26
C GLN A 228 0.25 1.41 12.79
N TYR A 229 -0.63 0.46 12.44
CA TYR A 229 -1.11 0.34 11.06
C TYR A 229 -2.47 0.97 10.87
N GLY A 230 -3.35 0.85 11.87
CA GLY A 230 -4.69 1.41 11.77
C GLY A 230 -4.72 2.91 11.47
N ASN A 231 -3.72 3.66 11.96
CA ASN A 231 -3.77 5.10 11.74
C ASN A 231 -3.68 5.44 10.25
N TYR A 232 -2.89 4.69 9.48
CA TYR A 232 -2.90 4.92 8.03
C TYR A 232 -4.22 4.53 7.39
N VAL A 233 -4.93 3.55 7.96
CA VAL A 233 -6.25 3.24 7.42
C VAL A 233 -7.17 4.44 7.62
N VAL A 234 -7.17 5.01 8.83
CA VAL A 234 -8.01 6.17 9.10
C VAL A 234 -7.59 7.34 8.24
N GLN A 235 -6.29 7.52 8.03
CA GLN A 235 -5.87 8.63 7.18
C GLN A 235 -6.43 8.48 5.78
N HIS A 236 -6.45 7.26 5.26
CA HIS A 236 -7.05 6.99 3.96
C HIS A 236 -8.54 7.26 3.96
N VAL A 237 -9.25 6.92 5.05
CA VAL A 237 -10.67 7.27 5.13
C VAL A 237 -10.86 8.77 5.00
N ILE A 238 -10.10 9.57 5.77
CA ILE A 238 -10.17 11.03 5.65
C ILE A 238 -9.98 11.49 4.21
N GLU A 239 -9.05 10.88 3.48
CA GLU A 239 -8.79 11.40 2.14
C GLU A 239 -9.76 10.87 1.09
N HIS A 240 -10.23 9.63 1.20
CA HIS A 240 -11.05 9.02 0.17
C HIS A 240 -12.49 8.81 0.57
N GLY A 241 -12.86 9.17 1.81
CA GLY A 241 -14.21 8.99 2.29
C GLY A 241 -15.10 10.17 1.94
N SER A 242 -16.35 10.07 2.39
CA SER A 242 -17.32 11.11 2.06
C SER A 242 -17.14 12.32 2.98
N GLU A 243 -17.75 13.43 2.56
CA GLU A 243 -17.82 14.59 3.43
C GLU A 243 -18.43 14.23 4.78
N GLU A 244 -19.43 13.34 4.80
CA GLU A 244 -20.01 12.98 6.09
C GLU A 244 -19.06 12.15 6.93
N ASP A 245 -18.12 11.43 6.30
CA ASP A 245 -17.10 10.71 7.06
C ASP A 245 -16.14 11.67 7.72
N ARG A 246 -15.68 12.68 6.98
CA ARG A 246 -14.80 13.70 7.55
C ARG A 246 -15.48 14.42 8.71
N MET A 247 -16.76 14.77 8.53
CA MET A 247 -17.49 15.41 9.61
C MET A 247 -17.53 14.54 10.85
N VAL A 248 -17.86 13.26 10.68
CA VAL A 248 -17.91 12.36 11.82
C VAL A 248 -16.55 12.24 12.45
N ILE A 249 -15.50 12.14 11.64
CA ILE A 249 -14.14 11.97 12.16
C ILE A 249 -13.66 13.24 12.85
N VAL A 250 -13.79 14.39 12.18
CA VAL A 250 -13.34 15.65 12.73
C VAL A 250 -14.14 15.99 13.98
N THR A 251 -15.41 15.63 14.01
CA THR A 251 -16.19 15.84 15.22
C THR A 251 -15.66 15.01 16.35
N ARG A 252 -15.25 13.78 16.07
CA ARG A 252 -14.73 12.96 17.14
C ARG A 252 -13.38 13.45 17.62
N VAL A 253 -12.46 13.79 16.70
CA VAL A 253 -11.15 14.19 17.18
C VAL A 253 -11.27 15.51 17.92
N SER A 254 -12.11 16.42 17.41
CA SER A 254 -12.30 17.70 18.10
C SER A 254 -12.79 17.47 19.52
N ASN A 255 -13.76 16.58 19.71
CA ASN A 255 -14.27 16.35 21.05
C ASN A 255 -13.24 15.73 21.97
N ASN A 256 -12.17 15.16 21.42
CA ASN A 256 -11.19 14.49 22.24
C ASN A 256 -9.81 14.90 21.81
N LEU A 257 -9.66 16.19 21.50
CA LEU A 257 -8.48 16.67 20.80
C LEU A 257 -7.20 16.33 21.56
N PHE A 258 -7.23 16.49 22.88
CA PHE A 258 -6.01 16.25 23.64
C PHE A 258 -5.62 14.79 23.62
N GLU A 259 -6.61 13.90 23.78
CA GLU A 259 -6.34 12.48 23.80
C GLU A 259 -5.77 12.00 22.47
N PHE A 260 -6.35 12.45 21.35
CA PHE A 260 -5.81 11.97 20.09
C PHE A 260 -4.45 12.58 19.82
N ALA A 261 -4.24 13.82 20.30
CA ALA A 261 -3.05 14.55 19.92
C ALA A 261 -1.82 14.06 20.65
N THR A 262 -2.00 13.47 21.82
CA THR A 262 -0.85 13.10 22.65
C THR A 262 -0.48 11.63 22.52
N HIS A 263 -1.06 10.90 21.59
CA HIS A 263 -0.64 9.52 21.39
C HIS A 263 0.13 9.40 20.09
N LYS A 264 1.06 8.45 20.06
CA LYS A 264 2.03 8.37 18.97
C LYS A 264 1.34 8.23 17.63
N TYR A 265 0.43 7.26 17.50
CA TYR A 265 -0.17 7.01 16.20
C TYR A 265 -1.36 7.90 15.89
N SER A 266 -2.28 8.14 16.84
CA SER A 266 -3.45 8.95 16.53
C SER A 266 -3.10 10.41 16.27
N SER A 267 -1.92 10.88 16.66
CA SER A 267 -1.60 12.27 16.38
C SER A 267 -1.44 12.51 14.88
N ASN A 268 -1.07 11.48 14.13
CA ASN A 268 -1.04 11.64 12.68
C ASN A 268 -2.43 11.81 12.10
N VAL A 269 -3.46 11.27 12.78
CA VAL A 269 -4.84 11.41 12.30
C VAL A 269 -5.26 12.88 12.28
N ILE A 270 -4.95 13.61 13.36
CA ILE A 270 -5.27 15.03 13.40
C ILE A 270 -4.52 15.78 12.31
N GLU A 271 -3.26 15.43 12.11
CA GLU A 271 -2.50 16.08 11.06
C GLU A 271 -3.20 15.90 9.73
N LYS A 272 -3.80 14.72 9.51
CA LYS A 272 -4.47 14.48 8.23
C LYS A 272 -5.74 15.30 8.13
N CYS A 273 -6.51 15.38 9.21
CA CYS A 273 -7.68 16.25 9.23
C CYS A 273 -7.30 17.67 8.84
N LEU A 274 -6.20 18.20 9.39
CA LEU A 274 -5.80 19.58 9.12
C LEU A 274 -5.39 19.78 7.66
N GLU A 275 -4.84 18.73 7.02
CA GLU A 275 -4.41 18.84 5.64
C GLU A 275 -5.56 18.66 4.65
N GLN A 276 -6.53 17.81 4.99
CA GLN A 276 -7.62 17.50 4.09
C GLN A 276 -8.90 18.23 4.43
N GLY A 277 -8.94 18.90 5.58
CA GLY A 277 -10.19 19.40 6.08
C GLY A 277 -10.60 20.71 5.44
N ALA A 278 -11.90 20.95 5.47
CA ALA A 278 -12.44 22.22 5.00
C ALA A 278 -12.28 23.27 6.09
N VAL A 279 -12.45 24.53 5.69
CA VAL A 279 -12.42 25.64 6.64
C VAL A 279 -13.31 25.33 7.85
N TYR A 280 -14.46 24.71 7.62
CA TYR A 280 -15.31 24.35 8.74
C TYR A 280 -14.64 23.31 9.65
N HIS A 281 -14.01 22.31 9.06
CA HIS A 281 -13.32 21.29 9.84
C HIS A 281 -12.20 21.90 10.69
N LYS A 282 -11.36 22.72 10.07
CA LYS A 282 -10.26 23.33 10.80
C LYS A 282 -10.80 24.20 11.93
N SER A 283 -11.89 24.90 11.68
CA SER A 283 -12.47 25.73 12.73
C SER A 283 -12.85 24.91 13.96
N MET A 284 -13.38 23.70 13.77
CA MET A 284 -13.71 22.88 14.93
C MET A 284 -12.45 22.51 15.72
N ILE A 285 -11.36 22.28 15.00
CA ILE A 285 -10.14 21.81 15.64
C ILE A 285 -9.45 22.96 16.38
N VAL A 286 -9.35 24.12 15.72
CA VAL A 286 -8.81 25.30 16.39
C VAL A 286 -9.73 25.72 17.53
N GLY A 287 -11.04 25.66 17.31
CA GLY A 287 -11.97 26.00 18.38
C GLY A 287 -11.80 25.12 19.60
N ALA A 288 -11.60 23.82 19.38
CA ALA A 288 -11.37 22.94 20.51
C ALA A 288 -10.03 23.21 21.15
N ALA A 289 -9.05 23.63 20.35
CA ALA A 289 -7.70 23.83 20.85
C ALA A 289 -7.60 25.07 21.73
N CYS A 290 -8.47 26.06 21.52
CA CYS A 290 -8.42 27.33 22.24
C CYS A 290 -9.48 27.46 23.33
N HIS A 291 -10.35 26.45 23.51
CA HIS A 291 -11.37 26.45 24.55
C HIS A 291 -10.77 26.74 25.91
N HIS A 292 -11.21 27.85 26.51
CA HIS A 292 -10.79 28.24 27.86
C HIS A 292 -11.40 27.26 28.86
N GLN A 293 -10.74 26.11 29.02
CA GLN A 293 -11.04 25.20 30.12
C GLN A 293 -10.81 25.95 31.44
N GLU A 294 -11.87 26.09 32.24
CA GLU A 294 -11.95 27.13 33.28
C GLU A 294 -10.82 27.09 34.31
N GLY A 295 -10.19 25.93 34.52
CA GLY A 295 -9.20 25.82 35.58
C GLY A 295 -7.85 25.33 35.13
N SER A 296 -7.70 25.05 33.84
CA SER A 296 -6.42 24.64 33.31
C SER A 296 -6.12 25.48 32.07
N VAL A 297 -4.85 25.44 31.67
CA VAL A 297 -4.33 26.07 30.47
C VAL A 297 -5.14 25.66 29.24
N PRO A 298 -5.34 26.54 28.24
CA PRO A 298 -6.00 26.10 27.00
C PRO A 298 -5.22 24.97 26.36
N ILE A 299 -5.93 23.98 25.83
CA ILE A 299 -5.25 22.75 25.49
C ILE A 299 -4.28 22.91 24.33
N VAL A 300 -4.33 24.01 23.58
CA VAL A 300 -3.28 24.20 22.59
C VAL A 300 -1.94 24.43 23.27
N VAL A 301 -1.94 25.04 24.46
CA VAL A 301 -0.67 25.24 25.17
C VAL A 301 -0.21 23.91 25.78
N GLN A 302 -1.11 23.18 26.42
CA GLN A 302 -0.76 21.87 26.92
C GLN A 302 -0.26 20.95 25.80
N MET A 303 -0.82 21.10 24.60
CA MET A 303 -0.42 20.27 23.48
C MET A 303 1.01 20.58 23.08
N MET A 304 1.41 21.85 23.16
CA MET A 304 2.77 22.20 22.76
C MET A 304 3.81 21.68 23.73
N LYS A 305 3.40 21.31 24.94
CA LYS A 305 4.28 20.66 25.90
C LYS A 305 4.43 19.16 25.69
N ASP A 306 3.78 18.56 24.68
CA ASP A 306 3.72 17.11 24.53
C ASP A 306 4.60 16.60 23.40
N GLN A 307 5.09 15.37 23.57
CA GLN A 307 6.10 14.83 22.66
C GLN A 307 5.56 14.68 21.24
N TYR A 308 4.29 14.30 21.11
CA TYR A 308 3.64 14.16 19.81
C TYR A 308 2.76 15.35 19.48
N ALA A 309 2.00 15.87 20.44
CA ALA A 309 1.02 16.90 20.12
C ALA A 309 1.68 18.21 19.68
N ASN A 310 2.96 18.43 19.99
CA ASN A 310 3.58 19.65 19.50
C ASN A 310 3.69 19.62 17.98
N TYR A 311 3.82 18.44 17.39
CA TYR A 311 3.77 18.38 15.94
C TYR A 311 2.38 18.72 15.41
N VAL A 312 1.34 18.45 16.20
CA VAL A 312 -0.04 18.79 15.80
C VAL A 312 -0.26 20.30 15.81
N VAL A 313 0.13 20.99 16.89
CA VAL A 313 -0.02 22.44 16.97
C VAL A 313 0.70 23.11 15.81
N GLN A 314 1.89 22.61 15.47
CA GLN A 314 2.62 23.15 14.33
C GLN A 314 1.86 22.95 13.05
N LYS A 315 1.16 21.82 12.90
CA LYS A 315 0.39 21.59 11.70
C LYS A 315 -0.81 22.53 11.61
N MET A 316 -1.41 22.89 12.75
CA MET A 316 -2.47 23.89 12.74
C MET A 316 -1.97 25.21 12.21
N PHE A 317 -0.81 25.67 12.70
CA PHE A 317 -0.31 26.97 12.25
C PHE A 317 -0.01 26.95 10.77
N ASP A 318 0.46 25.82 10.23
CA ASP A 318 0.80 25.77 8.82
C ASP A 318 -0.42 25.61 7.93
N GLN A 319 -1.56 25.20 8.49
CA GLN A 319 -2.65 24.76 7.65
C GLN A 319 -3.90 25.61 7.74
N VAL A 320 -4.07 26.36 8.82
CA VAL A 320 -5.32 27.10 8.99
C VAL A 320 -5.23 28.47 8.35
N THR A 321 -6.35 29.19 8.39
CA THR A 321 -6.50 30.51 7.81
C THR A 321 -5.88 31.56 8.72
N SER A 322 -5.55 32.72 8.14
CA SER A 322 -4.95 33.78 8.95
C SER A 322 -5.85 34.14 10.12
N GLU A 323 -7.16 34.26 9.87
CA GLU A 323 -8.09 34.51 10.96
C GLU A 323 -7.95 33.46 12.06
N GLN A 324 -8.00 32.18 11.69
CA GLN A 324 -7.87 31.13 12.69
C GLN A 324 -6.49 31.16 13.37
N ARG A 325 -5.43 31.35 12.58
CA ARG A 325 -4.08 31.47 13.13
C ARG A 325 -4.02 32.58 14.16
N ARG A 326 -4.72 33.67 13.90
CA ARG A 326 -4.74 34.77 14.85
C ARG A 326 -5.44 34.38 16.14
N GLU A 327 -6.37 33.42 16.09
CA GLU A 327 -6.93 32.96 17.35
C GLU A 327 -5.91 32.11 18.09
N LEU A 328 -5.12 31.33 17.35
CA LEU A 328 -4.08 30.53 17.99
C LEU A 328 -3.06 31.43 18.66
N ILE A 329 -2.65 32.49 17.97
CA ILE A 329 -1.62 33.39 18.50
C ILE A 329 -2.12 34.08 19.76
N LEU A 330 -3.31 34.64 19.71
CA LEU A 330 -3.81 35.33 20.90
C LEU A 330 -4.03 34.38 22.05
N THR A 331 -4.07 33.07 21.80
CA THR A 331 -4.23 32.11 22.88
C THR A 331 -2.89 31.69 23.47
N VAL A 332 -1.84 31.68 22.64
CA VAL A 332 -0.57 31.07 22.99
C VAL A 332 0.44 32.12 23.45
N ARG A 333 0.28 33.38 22.99
CA ARG A 333 1.17 34.48 23.38
C ARG A 333 1.42 34.56 24.89
N PRO A 334 0.41 34.61 25.76
CA PRO A 334 0.71 34.64 27.21
C PRO A 334 1.71 33.59 27.66
N HIS A 335 1.53 32.35 27.24
CA HIS A 335 2.26 31.26 27.84
C HIS A 335 3.66 31.07 27.27
N ILE A 336 4.19 32.02 26.49
CA ILE A 336 5.45 31.77 25.80
C ILE A 336 6.64 31.75 26.75
N PRO A 337 6.68 32.64 27.79
CA PRO A 337 7.64 32.43 28.88
C PRO A 337 7.80 30.98 29.28
N VAL A 338 6.73 30.44 29.85
CA VAL A 338 6.81 29.11 30.44
C VAL A 338 7.12 28.05 29.39
N LEU A 339 6.58 28.18 28.18
CA LEU A 339 6.75 27.12 27.18
C LEU A 339 8.22 26.94 26.80
N ARG A 340 9.01 28.01 26.85
CA ARG A 340 10.43 27.90 26.52
C ARG A 340 11.15 26.96 27.49
N GLN A 341 10.68 26.90 28.74
CA GLN A 341 11.25 25.97 29.72
C GLN A 341 11.20 24.53 29.21
N PHE A 342 10.03 24.09 28.73
CA PHE A 342 9.77 22.67 28.52
C PHE A 342 10.69 22.05 27.47
N PRO A 343 10.84 20.71 27.50
CA PRO A 343 11.67 20.01 26.50
C PRO A 343 11.41 20.43 25.06
N HIS A 344 12.46 20.91 24.40
CA HIS A 344 12.43 21.42 23.03
C HIS A 344 11.54 22.64 22.86
N GLY A 345 11.03 23.20 23.98
CA GLY A 345 10.16 24.35 23.91
C GLY A 345 10.74 25.49 23.10
N LYS A 346 12.07 25.63 23.10
CA LYS A 346 12.69 26.65 22.28
C LYS A 346 12.63 26.28 20.81
N HIS A 347 12.90 25.02 20.49
CA HIS A 347 12.80 24.60 19.09
C HIS A 347 11.36 24.66 18.60
N ILE A 348 10.40 24.30 19.46
CA ILE A 348 8.98 24.34 19.09
C ILE A 348 8.55 25.78 18.80
N LEU A 349 8.95 26.71 19.66
CA LEU A 349 8.58 28.10 19.44
C LEU A 349 9.43 28.76 18.38
N ALA A 350 10.67 28.31 18.18
CA ALA A 350 11.46 28.81 17.08
C ALA A 350 10.77 28.53 15.75
N LYS A 351 10.36 27.28 15.55
CA LYS A 351 9.65 26.92 14.31
C LYS A 351 8.34 27.68 14.18
N LEU A 352 7.84 28.27 15.25
CA LEU A 352 6.63 29.09 15.20
C LEU A 352 6.94 30.58 15.15
N GLU A 353 8.22 30.98 15.17
CA GLU A 353 8.55 32.39 15.31
C GLU A 353 7.95 33.20 14.16
N LYS A 354 8.00 32.66 12.95
CA LYS A 354 7.38 33.26 11.78
C LYS A 354 6.04 33.90 12.08
N TYR A 355 5.27 33.31 12.99
CA TYR A 355 3.89 33.73 13.24
C TYR A 355 3.75 34.68 14.42
N PHE A 356 4.73 34.72 15.31
CA PHE A 356 4.63 35.55 16.51
C PHE A 356 5.41 36.85 16.38
N GLN A 357 5.97 37.15 15.21
CA GLN A 357 6.65 38.42 14.96
C GLN A 357 5.69 39.52 14.51
N LYS A 358 4.42 39.44 14.90
CA LYS A 358 3.32 40.26 14.34
C LYS A 358 3.67 41.71 14.01
#